data_5JF0
#
_entry.id   5JF0
#
_cell.length_a   41.210
_cell.length_b   65.430
_cell.length_c   88.540
_cell.angle_alpha   90.00
_cell.angle_beta   90.00
_cell.angle_gamma   90.00
#
_symmetry.space_group_name_H-M   'P 21 21 21'
#
loop_
_entity.id
_entity.type
_entity.pdbx_description
1 polymer 'Peptide deformylase'
2 polymer MET-ALA-ARG
3 non-polymer 'ACETATE ION'
4 non-polymer 'NICKEL (II) ION'
5 water water
#
loop_
_entity_poly.entity_id
_entity_poly.type
_entity_poly.pdbx_seq_one_letter_code
_entity_poly.pdbx_strand_id
1 'polypeptide(L)'
;MAAIDKLVKASHLID(SME)NDIIREGNPTLRKVAEEVTFPLSEKEEILGEKMMQFLKHSQDPIMAEKLGLRGGVGLAAP
QLDISKRIIAVLVPNVEDAQGNPPKEAYSLQEVMYNPKVVSHSVQDAALSDGEG(OCS)LSVDREVPGYVVRHARVTIEY
FDKTGEKHRLKLKGYNSIVVQHEIDHIDGIMFYDRINEKNPFAVKEGLLILE
;
A
2 'polypeptide(L)' MAR D
#
loop_
_chem_comp.id
_chem_comp.type
_chem_comp.name
_chem_comp.formula
ACT non-polymer 'ACETATE ION' 'C2 H3 O2 -1'
NI non-polymer 'NICKEL (II) ION' 'Ni 2'
#
# COMPACT_ATOMS: atom_id res chain seq x y z
N ALA A 2 23.43 -5.69 -2.47
CA ALA A 2 22.02 -6.18 -2.64
C ALA A 2 21.06 -5.01 -2.89
N ALA A 3 19.79 -5.34 -3.09
CA ALA A 3 18.76 -4.34 -3.33
C ALA A 3 18.67 -3.32 -2.20
N ILE A 4 18.68 -3.81 -0.96
CA ILE A 4 18.51 -2.92 0.20
C ILE A 4 19.64 -1.91 0.35
N ASP A 5 20.84 -2.31 -0.03
CA ASP A 5 22.02 -1.43 0.04
C ASP A 5 21.88 -0.24 -0.89
N LYS A 6 21.37 -0.48 -2.09
CA LYS A 6 21.10 0.57 -3.07
C LYS A 6 20.05 1.56 -2.55
N LEU A 7 18.99 1.02 -1.94
CA LEU A 7 17.87 1.85 -1.52
C LEU A 7 18.14 2.74 -0.32
N VAL A 8 19.04 2.31 0.56
CA VAL A 8 19.24 3.00 1.84
C VAL A 8 20.32 4.09 1.81
N LYS A 9 21.01 4.21 0.67
CA LYS A 9 22.01 5.28 0.49
C LYS A 9 21.35 6.64 0.71
N ALA A 10 22.02 7.52 1.46
CA ALA A 10 21.45 8.81 1.88
C ALA A 10 20.84 9.60 0.73
N SER A 11 21.58 9.70 -0.36
CA SER A 11 21.18 10.49 -1.53
C SER A 11 20.17 9.79 -2.44
N HIS A 12 19.95 8.49 -2.22
CA HIS A 12 19.08 7.73 -3.13
C HIS A 12 17.60 7.98 -2.91
N LEU A 13 16.93 8.39 -3.97
CA LEU A 13 15.48 8.53 -3.96
C LEU A 13 14.84 7.34 -4.68
N ILE A 14 13.90 6.68 -4.02
CA ILE A 14 13.19 5.60 -4.68
C ILE A 14 12.41 6.16 -5.87
N ASP A 15 12.51 5.48 -7.01
CA ASP A 15 11.69 5.82 -8.17
C ASP A 15 11.16 4.55 -8.84
N SME A 16 10.60 4.68 -10.04
CA SME A 16 9.98 3.52 -10.71
CB SME A 16 9.13 3.95 -11.91
CG SME A 16 8.02 4.89 -11.46
S SME A 16 6.96 4.06 -10.24
OE SME A 16 5.81 5.34 -9.75
CE SME A 16 6.09 2.75 -11.14
C SME A 16 10.95 2.43 -11.08
O SME A 16 10.58 1.26 -11.18
N ASN A 17 12.22 2.80 -11.29
CA ASN A 17 13.24 1.81 -11.66
C ASN A 17 13.60 0.89 -10.49
N ASP A 18 13.19 1.27 -9.28
CA ASP A 18 13.40 0.47 -8.08
C ASP A 18 12.24 -0.50 -7.85
N ILE A 19 11.15 -0.30 -8.59
CA ILE A 19 9.95 -1.12 -8.38
C ILE A 19 9.97 -2.32 -9.31
N ILE A 20 9.92 -3.52 -8.73
CA ILE A 20 9.95 -4.73 -9.52
C ILE A 20 8.58 -4.98 -10.14
N ARG A 21 8.55 -5.75 -11.22
CA ARG A 21 7.34 -5.90 -11.99
C ARG A 21 6.78 -7.31 -11.94
N GLU A 22 5.50 -7.38 -12.25
CA GLU A 22 4.74 -8.60 -12.37
C GLU A 22 5.58 -9.69 -13.04
N GLY A 23 5.67 -10.84 -12.38
CA GLY A 23 6.45 -11.96 -12.89
C GLY A 23 7.69 -12.23 -12.05
N ASN A 24 8.19 -11.18 -11.38
CA ASN A 24 9.32 -11.32 -10.49
C ASN A 24 8.90 -12.17 -9.28
N PRO A 25 9.59 -13.29 -9.04
CA PRO A 25 9.16 -14.22 -7.97
C PRO A 25 9.01 -13.58 -6.59
N THR A 26 9.73 -12.49 -6.31
CA THR A 26 9.65 -11.89 -4.98
C THR A 26 8.23 -11.44 -4.65
N LEU A 27 7.48 -11.05 -5.67
CA LEU A 27 6.09 -10.57 -5.46
C LEU A 27 5.15 -11.65 -4.97
N ARG A 28 5.55 -12.92 -5.14
CA ARG A 28 4.70 -14.06 -4.77
C ARG A 28 5.14 -14.81 -3.50
N LYS A 29 6.23 -14.35 -2.89
CA LYS A 29 6.72 -14.96 -1.65
C LYS A 29 5.88 -14.47 -0.46
N VAL A 30 5.97 -15.18 0.66
CA VAL A 30 5.48 -14.64 1.93
C VAL A 30 6.67 -13.94 2.57
N ALA A 31 6.55 -12.62 2.73
CA ALA A 31 7.64 -11.82 3.28
C ALA A 31 7.93 -12.20 4.74
N GLU A 32 9.21 -12.06 5.12
CA GLU A 32 9.67 -12.39 6.45
C GLU A 32 9.35 -11.29 7.47
N GLU A 33 8.93 -11.69 8.66
CA GLU A 33 8.74 -10.78 9.78
C GLU A 33 10.03 -10.05 10.08
N VAL A 34 9.91 -8.78 10.45
CA VAL A 34 11.06 -8.04 10.97
C VAL A 34 11.18 -8.26 12.47
N THR A 35 12.41 -8.21 12.97
CA THR A 35 12.67 -8.31 14.38
C THR A 35 13.01 -6.94 14.95
N PHE A 36 12.65 -6.73 16.22
CA PHE A 36 13.00 -5.52 16.94
C PHE A 36 14.09 -5.82 17.99
N PRO A 37 15.02 -4.87 18.21
CA PRO A 37 15.05 -3.54 17.57
C PRO A 37 15.38 -3.59 16.08
N LEU A 38 14.82 -2.65 15.31
CA LEU A 38 15.04 -2.61 13.87
C LEU A 38 16.49 -2.34 13.54
N SER A 39 16.96 -2.95 12.46
CA SER A 39 18.26 -2.58 11.89
C SER A 39 18.18 -1.18 11.30
N GLU A 40 19.34 -0.55 11.12
CA GLU A 40 19.34 0.76 10.51
C GLU A 40 18.76 0.69 9.09
N LYS A 41 19.13 -0.36 8.34
CA LYS A 41 18.62 -0.56 6.98
C LYS A 41 17.09 -0.58 6.94
N GLU A 42 16.48 -1.28 7.89
CA GLU A 42 15.01 -1.44 7.93
C GLU A 42 14.29 -0.16 8.31
N GLU A 43 14.91 0.62 9.19
CA GLU A 43 14.39 1.92 9.58
C GLU A 43 14.47 2.86 8.38
N ILE A 44 15.64 2.91 7.76
CA ILE A 44 15.83 3.80 6.60
C ILE A 44 14.92 3.43 5.44
N LEU A 45 14.78 2.14 5.19
CA LEU A 45 13.92 1.68 4.10
C LEU A 45 12.49 2.19 4.29
N GLY A 46 11.98 2.06 5.51
CA GLY A 46 10.65 2.58 5.83
C GLY A 46 10.55 4.06 5.50
N GLU A 47 11.57 4.82 5.92
CA GLU A 47 11.61 6.27 5.65
C GLU A 47 11.62 6.56 4.15
N LYS A 48 12.41 5.81 3.40
CA LYS A 48 12.52 6.01 1.94
C LYS A 48 11.18 5.68 1.23
N MET A 49 10.48 4.68 1.77
CA MET A 49 9.18 4.27 1.25
C MET A 49 8.13 5.35 1.45
N MET A 50 8.10 5.93 2.65
CA MET A 50 7.20 7.04 2.93
C MET A 50 7.56 8.23 2.03
N GLN A 51 8.85 8.47 1.85
CA GLN A 51 9.33 9.58 1.03
C GLN A 51 8.86 9.41 -0.40
N PHE A 52 8.91 8.18 -0.89
CA PHE A 52 8.42 7.86 -2.23
C PHE A 52 6.95 8.25 -2.36
N LEU A 53 6.13 7.87 -1.38
CA LEU A 53 4.72 8.17 -1.47
C LEU A 53 4.46 9.68 -1.48
N LYS A 54 5.15 10.42 -0.60
CA LYS A 54 5.06 11.89 -0.59
C LYS A 54 5.44 12.46 -1.96
N HIS A 55 6.57 12.00 -2.50
CA HIS A 55 7.03 12.48 -3.79
C HIS A 55 6.06 12.17 -4.92
N SER A 56 5.45 10.98 -4.85
CA SER A 56 4.51 10.53 -5.85
C SER A 56 3.24 11.38 -5.87
N GLN A 57 2.94 12.00 -4.73
CA GLN A 57 1.72 12.79 -4.59
C GLN A 57 1.94 14.27 -4.86
N ASP A 58 3.20 14.67 -5.03
CA ASP A 58 3.54 16.05 -5.35
C ASP A 58 3.70 16.15 -6.86
N PRO A 59 2.82 16.93 -7.52
CA PRO A 59 2.82 16.94 -8.98
C PRO A 59 4.20 17.23 -9.60
N ILE A 60 4.95 18.16 -9.01
CA ILE A 60 6.27 18.52 -9.57
C ILE A 60 7.33 17.45 -9.30
N MET A 61 7.43 16.97 -8.05
CA MET A 61 8.36 15.89 -7.73
C MET A 61 8.02 14.62 -8.51
N ALA A 62 6.73 14.31 -8.64
CA ALA A 62 6.30 13.16 -9.44
C ALA A 62 6.79 13.28 -10.88
N GLU A 63 6.64 14.47 -11.45
CA GLU A 63 7.12 14.75 -12.81
C GLU A 63 8.63 14.69 -12.91
N LYS A 64 9.33 15.27 -11.93
CA LYS A 64 10.79 15.21 -11.88
C LYS A 64 11.32 13.79 -11.86
N LEU A 65 10.71 12.93 -11.03
CA LEU A 65 11.23 11.58 -10.82
C LEU A 65 10.56 10.53 -11.70
N GLY A 66 9.51 10.93 -12.43
CA GLY A 66 8.79 10.03 -13.34
C GLY A 66 7.89 9.04 -12.61
N LEU A 67 7.20 9.53 -11.59
CA LEU A 67 6.42 8.66 -10.68
C LEU A 67 4.95 8.63 -11.00
N ARG A 68 4.34 7.45 -10.88
CA ARG A 68 2.89 7.27 -10.81
C ARG A 68 2.49 7.52 -9.37
N GLY A 69 1.39 8.24 -9.16
CA GLY A 69 0.87 8.50 -7.82
C GLY A 69 0.57 7.23 -7.07
N GLY A 70 0.93 7.20 -5.79
CA GLY A 70 0.64 6.05 -4.97
C GLY A 70 0.16 6.47 -3.61
N VAL A 71 -0.64 5.63 -2.99
CA VAL A 71 -1.07 5.84 -1.60
C VAL A 71 -0.57 4.71 -0.67
N GLY A 72 0.19 3.78 -1.23
CA GLY A 72 0.77 2.73 -0.43
C GLY A 72 1.87 2.06 -1.20
N LEU A 73 2.78 1.42 -0.47
CA LEU A 73 3.92 0.71 -1.06
C LEU A 73 4.35 -0.37 -0.08
N ALA A 74 4.72 -1.52 -0.62
CA ALA A 74 5.16 -2.63 0.21
C ALA A 74 6.58 -3.01 -0.15
N ALA A 75 7.36 -3.42 0.84
CA ALA A 75 8.77 -3.72 0.60
C ALA A 75 9.04 -4.75 -0.51
N PRO A 76 8.23 -5.84 -0.58
CA PRO A 76 8.43 -6.77 -1.71
C PRO A 76 8.44 -6.11 -3.10
N GLN A 77 7.74 -4.99 -3.26
CA GLN A 77 7.74 -4.30 -4.56
C GLN A 77 9.08 -3.66 -4.88
N LEU A 78 9.95 -3.59 -3.88
CA LEU A 78 11.31 -3.08 -4.03
C LEU A 78 12.32 -4.23 -4.02
N ASP A 79 11.80 -5.45 -4.16
CA ASP A 79 12.59 -6.68 -4.13
C ASP A 79 13.15 -7.00 -2.73
N ILE A 80 12.43 -6.55 -1.71
CA ILE A 80 12.86 -6.74 -0.32
C ILE A 80 11.76 -7.54 0.37
N SER A 81 12.03 -8.82 0.64
CA SER A 81 11.02 -9.72 1.14
C SER A 81 10.85 -9.61 2.66
N LYS A 82 10.41 -8.43 3.10
CA LYS A 82 10.20 -8.17 4.52
C LYS A 82 8.84 -7.54 4.70
N ARG A 83 8.27 -7.78 5.88
CA ARG A 83 6.92 -7.30 6.20
C ARG A 83 6.93 -5.83 6.61
N ILE A 84 7.08 -4.96 5.61
CA ILE A 84 7.20 -3.51 5.83
C ILE A 84 6.32 -2.88 4.79
N ILE A 85 5.39 -2.04 5.23
CA ILE A 85 4.55 -1.28 4.30
C ILE A 85 4.50 0.19 4.71
N ALA A 86 4.22 1.05 3.74
CA ALA A 86 3.98 2.45 4.00
C ALA A 86 2.66 2.82 3.39
N VAL A 87 1.89 3.64 4.10
CA VAL A 87 0.58 4.06 3.62
C VAL A 87 0.47 5.56 3.81
N LEU A 88 -0.09 6.24 2.81
CA LEU A 88 -0.22 7.69 2.86
C LEU A 88 -1.44 8.08 2.06
N VAL A 89 -2.54 8.36 2.78
CA VAL A 89 -3.81 8.66 2.12
C VAL A 89 -4.19 10.10 2.42
N PRO A 90 -4.12 11.00 1.41
CA PRO A 90 -4.45 12.40 1.63
C PRO A 90 -5.94 12.62 1.82
N ASN A 91 -6.28 13.63 2.62
CA ASN A 91 -7.62 14.19 2.60
C ASN A 91 -7.69 15.21 1.49
N VAL A 92 -8.91 15.55 1.07
CA VAL A 92 -9.08 16.44 -0.06
C VAL A 92 -9.53 17.83 0.37
N GLU A 93 -9.25 18.82 -0.47
CA GLU A 93 -9.80 20.17 -0.31
C GLU A 93 -11.31 20.18 -0.46
N ASP A 94 -11.94 21.21 0.10
CA ASP A 94 -13.36 21.41 -0.13
C ASP A 94 -13.56 22.18 -1.44
N ALA A 95 -14.81 22.41 -1.82
CA ALA A 95 -15.14 23.10 -3.07
C ALA A 95 -14.63 24.54 -3.13
N GLN A 96 -14.36 25.11 -1.96
CA GLN A 96 -13.84 26.46 -1.87
C GLN A 96 -12.31 26.52 -1.97
N GLY A 97 -11.67 25.36 -2.07
CA GLY A 97 -10.20 25.32 -2.17
C GLY A 97 -9.50 25.36 -0.83
N ASN A 98 -10.25 25.20 0.26
CA ASN A 98 -9.62 25.16 1.59
C ASN A 98 -8.99 23.81 1.87
N PRO A 99 -7.72 23.82 2.33
CA PRO A 99 -7.09 22.56 2.75
C PRO A 99 -7.90 21.88 3.86
N PRO A 100 -7.84 20.55 3.91
CA PRO A 100 -8.53 19.82 4.97
C PRO A 100 -7.93 20.09 6.35
N LYS A 101 -8.70 19.82 7.41
CA LYS A 101 -8.23 19.96 8.80
C LYS A 101 -6.94 19.17 9.02
N GLU A 102 -6.94 17.96 8.46
CA GLU A 102 -5.85 16.98 8.57
C GLU A 102 -5.36 16.71 7.17
N ALA A 103 -4.06 16.86 6.93
CA ALA A 103 -3.50 16.63 5.58
C ALA A 103 -3.73 15.18 5.11
N TYR A 104 -3.61 14.23 6.03
CA TYR A 104 -3.79 12.81 5.70
C TYR A 104 -4.77 12.13 6.63
N SER A 105 -5.54 11.18 6.09
CA SER A 105 -6.42 10.34 6.90
C SER A 105 -5.69 9.11 7.43
N LEU A 106 -4.57 8.78 6.81
CA LEU A 106 -3.73 7.67 7.23
C LEU A 106 -2.32 7.95 6.75
N GLN A 107 -1.36 7.91 7.66
CA GLN A 107 0.04 8.16 7.34
C GLN A 107 0.87 7.33 8.31
N GLU A 108 1.41 6.23 7.82
CA GLU A 108 2.15 5.33 8.69
C GLU A 108 3.10 4.45 7.92
N VAL A 109 4.23 4.15 8.56
CA VAL A 109 5.09 3.06 8.12
C VAL A 109 4.85 1.92 9.10
N MET A 110 4.33 0.80 8.59
CA MET A 110 3.92 -0.31 9.45
C MET A 110 4.83 -1.50 9.28
N TYR A 111 5.29 -2.04 10.41
CA TYR A 111 6.12 -3.26 10.44
C TYR A 111 5.27 -4.41 10.95
N ASN A 112 5.38 -5.57 10.28
CA ASN A 112 4.62 -6.76 10.66
C ASN A 112 3.12 -6.50 10.80
N PRO A 113 2.53 -5.81 9.81
CA PRO A 113 1.09 -5.55 9.93
C PRO A 113 0.32 -6.82 9.65
N LYS A 114 -0.84 -6.94 10.29
CA LYS A 114 -1.77 -8.03 9.96
C LYS A 114 -3.21 -7.67 10.26
N VAL A 115 -4.12 -8.33 9.55
CA VAL A 115 -5.55 -8.20 9.86
C VAL A 115 -5.86 -9.20 10.96
N VAL A 116 -6.41 -8.71 12.07
CA VAL A 116 -6.72 -9.61 13.18
C VAL A 116 -8.20 -9.94 13.27
N SER A 117 -9.03 -9.06 12.71
CA SER A 117 -10.46 -9.33 12.60
C SER A 117 -11.03 -8.44 11.49
N HIS A 118 -12.24 -8.73 11.05
CA HIS A 118 -12.80 -7.97 9.93
C HIS A 118 -14.31 -8.15 9.90
N SER A 119 -14.95 -7.28 9.14
CA SER A 119 -16.39 -7.36 8.93
C SER A 119 -16.79 -8.56 8.06
N VAL A 120 -18.00 -9.06 8.27
CA VAL A 120 -18.58 -10.01 7.33
C VAL A 120 -18.80 -9.32 5.98
N GLN A 121 -19.20 -8.05 6.01
CA GLN A 121 -19.40 -7.31 4.78
C GLN A 121 -18.11 -7.13 3.96
N ASP A 122 -18.23 -7.27 2.64
CA ASP A 122 -17.16 -7.02 1.71
C ASP A 122 -17.31 -5.63 1.10
N ALA A 123 -16.21 -5.10 0.57
CA ALA A 123 -16.25 -3.84 -0.16
C ALA A 123 -15.28 -3.87 -1.32
N ALA A 124 -15.49 -2.97 -2.28
CA ALA A 124 -14.57 -2.85 -3.41
C ALA A 124 -14.64 -1.42 -3.92
N LEU A 125 -13.50 -0.88 -4.33
CA LEU A 125 -13.48 0.43 -5.00
C LEU A 125 -14.22 0.32 -6.34
N SER A 126 -15.12 1.27 -6.60
CA SER A 126 -15.82 1.33 -7.87
C SER A 126 -14.87 1.37 -9.07
N ASP A 127 -13.74 2.06 -8.90
CA ASP A 127 -12.78 2.29 -9.98
C ASP A 127 -11.78 1.15 -10.13
N GLY A 128 -11.92 0.12 -9.32
CA GLY A 128 -10.96 -0.98 -9.32
C GLY A 128 -9.69 -0.55 -8.62
N GLU A 129 -8.61 -1.30 -8.83
CA GLU A 129 -7.33 -0.98 -8.21
C GLU A 129 -6.23 -1.01 -9.26
N GLY A 130 -5.22 -0.16 -9.06
CA GLY A 130 -4.03 -0.13 -9.91
C GLY A 130 -2.84 -0.54 -9.07
N OCS A 131 -1.78 -1.01 -9.74
CA OCS A 131 -0.61 -1.53 -9.05
CB OCS A 131 -0.64 -3.05 -9.09
SG OCS A 131 0.36 -3.87 -7.85
C OCS A 131 0.64 -1.04 -9.76
O OCS A 131 0.80 -1.21 -10.97
OD1 OCS A 131 0.29 -5.27 -8.09
OD2 OCS A 131 1.69 -3.39 -7.94
OD3 OCS A 131 -0.22 -3.53 -6.59
N LEU A 132 1.55 -0.43 -8.98
CA LEU A 132 2.81 0.12 -9.52
C LEU A 132 3.70 -0.95 -10.18
N SER A 133 3.46 -2.21 -9.83
CA SER A 133 4.21 -3.34 -10.38
C SER A 133 3.54 -3.97 -11.60
N VAL A 134 2.35 -3.47 -11.95
CA VAL A 134 1.58 -4.07 -13.05
C VAL A 134 1.33 -3.04 -14.15
N ASP A 135 1.89 -3.34 -15.31
CA ASP A 135 1.87 -2.44 -16.47
C ASP A 135 0.86 -2.97 -17.50
N ARG A 136 -0.34 -3.25 -17.01
CA ARG A 136 -1.45 -3.78 -17.80
C ARG A 136 -2.71 -3.12 -17.26
N GLU A 137 -3.69 -2.97 -18.15
CA GLU A 137 -5.04 -2.58 -17.76
C GLU A 137 -5.73 -3.79 -17.15
N VAL A 138 -6.20 -3.65 -15.92
CA VAL A 138 -6.89 -4.75 -15.26
C VAL A 138 -8.22 -4.28 -14.70
N PRO A 139 -9.31 -4.58 -15.42
CA PRO A 139 -10.65 -4.15 -15.02
C PRO A 139 -11.22 -5.04 -13.93
N GLY A 140 -12.04 -4.46 -13.07
CA GLY A 140 -12.87 -5.25 -12.18
C GLY A 140 -12.86 -4.84 -10.73
N TYR A 141 -13.83 -5.36 -10.00
CA TYR A 141 -13.95 -5.09 -8.58
C TYR A 141 -13.01 -6.00 -7.81
N VAL A 142 -12.10 -5.40 -7.06
CA VAL A 142 -11.19 -6.16 -6.21
C VAL A 142 -11.90 -6.31 -4.87
N VAL A 143 -12.41 -7.51 -4.60
CA VAL A 143 -13.31 -7.73 -3.45
C VAL A 143 -12.49 -7.91 -2.17
N ARG A 144 -12.72 -7.01 -1.22
CA ARG A 144 -11.96 -7.00 0.03
C ARG A 144 -12.93 -7.00 1.23
N HIS A 145 -12.39 -7.07 2.44
CA HIS A 145 -13.23 -6.85 3.63
C HIS A 145 -13.63 -5.39 3.69
N ALA A 146 -14.88 -5.09 4.06
CA ALA A 146 -15.26 -3.67 4.19
C ALA A 146 -14.45 -3.00 5.30
N ARG A 147 -14.42 -3.66 6.45
CA ARG A 147 -13.81 -3.09 7.65
C ARG A 147 -12.81 -4.09 8.19
N VAL A 148 -11.67 -3.59 8.67
CA VAL A 148 -10.66 -4.47 9.27
C VAL A 148 -10.16 -3.89 10.57
N THR A 149 -9.77 -4.78 11.48
CA THR A 149 -8.97 -4.36 12.64
C THR A 149 -7.57 -4.88 12.37
N ILE A 150 -6.58 -3.99 12.41
CA ILE A 150 -5.20 -4.41 12.16
C ILE A 150 -4.34 -4.24 13.41
N GLU A 151 -3.28 -5.02 13.49
CA GLU A 151 -2.18 -4.77 14.41
C GLU A 151 -0.92 -4.54 13.61
N TYR A 152 -0.07 -3.66 14.12
CA TYR A 152 1.25 -3.47 13.51
C TYR A 152 2.17 -2.83 14.53
N PHE A 153 3.43 -2.75 14.15
CA PHE A 153 4.44 -2.12 14.99
C PHE A 153 5.01 -0.96 14.22
N ASP A 154 5.30 0.13 14.92
CA ASP A 154 6.01 1.21 14.26
C ASP A 154 7.53 1.01 14.39
N LYS A 155 8.29 1.93 13.81
CA LYS A 155 9.75 1.82 13.78
C LYS A 155 10.39 1.72 15.18
N THR A 156 9.70 2.21 16.21
CA THR A 156 10.23 2.16 17.58
C THR A 156 9.96 0.80 18.25
N GLY A 157 9.11 -0.02 17.63
CA GLY A 157 8.71 -1.29 18.22
C GLY A 157 7.40 -1.21 19.00
N GLU A 158 6.81 -0.02 19.04
CA GLU A 158 5.51 0.17 19.71
C GLU A 158 4.44 -0.53 18.90
N LYS A 159 3.59 -1.28 19.59
CA LYS A 159 2.45 -1.99 18.97
C LYS A 159 1.23 -1.09 18.88
N HIS A 160 0.55 -1.16 17.74
CA HIS A 160 -0.68 -0.41 17.52
C HIS A 160 -1.80 -1.35 17.11
N ARG A 161 -3.02 -1.02 17.54
CA ARG A 161 -4.22 -1.77 17.17
C ARG A 161 -5.19 -0.73 16.64
N LEU A 162 -5.71 -0.94 15.43
CA LEU A 162 -6.46 0.10 14.74
C LEU A 162 -7.58 -0.50 13.88
N LYS A 163 -8.79 0.05 14.01
CA LYS A 163 -9.90 -0.28 13.11
C LYS A 163 -9.94 0.70 11.93
N LEU A 164 -10.14 0.16 10.74
CA LEU A 164 -10.22 0.96 9.52
C LEU A 164 -11.47 0.61 8.74
N LYS A 165 -11.99 1.60 8.01
CA LYS A 165 -13.13 1.40 7.12
C LYS A 165 -12.90 2.18 5.84
N GLY A 166 -13.80 2.04 4.88
CA GLY A 166 -13.75 2.82 3.65
C GLY A 166 -12.45 2.64 2.86
N TYR A 167 -11.99 3.72 2.26
CA TYR A 167 -10.81 3.68 1.38
C TYR A 167 -9.55 3.22 2.14
N ASN A 168 -9.39 3.70 3.37
CA ASN A 168 -8.18 3.34 4.14
C ASN A 168 -8.09 1.86 4.43
N SER A 169 -9.24 1.24 4.68
CA SER A 169 -9.31 -0.21 4.84
C SER A 169 -8.85 -0.93 3.57
N ILE A 170 -9.32 -0.46 2.42
CA ILE A 170 -8.91 -1.03 1.12
C ILE A 170 -7.39 -0.94 0.95
N VAL A 171 -6.85 0.26 1.19
CA VAL A 171 -5.41 0.47 0.98
C VAL A 171 -4.55 -0.44 1.87
N VAL A 172 -4.86 -0.51 3.15
CA VAL A 172 -4.06 -1.36 4.05
C VAL A 172 -4.14 -2.84 3.66
N GLN A 173 -5.34 -3.29 3.29
CA GLN A 173 -5.48 -4.68 2.84
C GLN A 173 -4.67 -4.96 1.57
N HIS A 174 -4.65 -4.00 0.65
CA HIS A 174 -3.88 -4.16 -0.58
C HIS A 174 -2.38 -4.33 -0.24
N GLU A 175 -1.89 -3.51 0.69
CA GLU A 175 -0.47 -3.60 1.05
C GLU A 175 -0.14 -4.88 1.83
N ILE A 176 -0.99 -5.25 2.78
CA ILE A 176 -0.76 -6.50 3.49
C ILE A 176 -0.74 -7.68 2.51
N ASP A 177 -1.63 -7.65 1.52
CA ASP A 177 -1.61 -8.69 0.50
C ASP A 177 -0.22 -8.83 -0.13
N HIS A 178 0.44 -7.70 -0.45
CA HIS A 178 1.78 -7.79 -1.05
C HIS A 178 2.77 -8.57 -0.21
N ILE A 179 2.70 -8.39 1.11
CA ILE A 179 3.65 -9.07 2.01
C ILE A 179 3.26 -10.52 2.25
N ASP A 180 2.08 -10.92 1.75
CA ASP A 180 1.67 -12.32 1.75
C ASP A 180 1.80 -12.96 0.36
N GLY A 181 2.26 -12.19 -0.61
CA GLY A 181 2.44 -12.70 -1.98
C GLY A 181 1.14 -12.75 -2.76
N ILE A 182 0.20 -11.89 -2.39
CA ILE A 182 -1.12 -11.82 -3.02
C ILE A 182 -1.23 -10.53 -3.85
N MET A 183 -1.74 -10.66 -5.07
CA MET A 183 -1.91 -9.55 -6.03
C MET A 183 -3.38 -9.18 -6.15
N PHE A 184 -3.67 -7.91 -6.45
CA PHE A 184 -5.06 -7.43 -6.41
C PHE A 184 -5.97 -8.24 -7.31
N TYR A 185 -5.47 -8.64 -8.48
CA TYR A 185 -6.33 -9.36 -9.43
C TYR A 185 -6.68 -10.79 -8.98
N ASP A 186 -5.97 -11.29 -7.96
CA ASP A 186 -6.35 -12.56 -7.34
C ASP A 186 -7.74 -12.50 -6.73
N ARG A 187 -8.18 -11.26 -6.43
CA ARG A 187 -9.46 -11.02 -5.76
C ARG A 187 -10.54 -10.45 -6.71
N ILE A 188 -10.29 -10.55 -8.02
CA ILE A 188 -11.26 -10.14 -9.03
C ILE A 188 -11.95 -11.41 -9.56
N ASN A 189 -13.28 -11.38 -9.65
CA ASN A 189 -14.06 -12.50 -10.15
C ASN A 189 -13.50 -12.96 -11.49
N GLU A 190 -13.29 -14.26 -11.63
CA GLU A 190 -12.60 -14.82 -12.80
C GLU A 190 -13.42 -14.79 -14.07
N LYS A 191 -14.74 -14.86 -13.91
CA LYS A 191 -15.67 -14.98 -15.05
C LYS A 191 -16.32 -13.65 -15.45
N ASN A 192 -16.71 -12.85 -14.45
CA ASN A 192 -17.23 -11.51 -14.69
C ASN A 192 -16.55 -10.53 -13.74
N PRO A 193 -15.55 -9.79 -14.24
CA PRO A 193 -14.81 -8.84 -13.38
C PRO A 193 -15.71 -7.89 -12.57
N PHE A 194 -16.89 -7.57 -13.11
CA PHE A 194 -17.78 -6.63 -12.42
C PHE A 194 -18.98 -7.27 -11.75
N ALA A 195 -18.89 -8.58 -11.48
CA ALA A 195 -19.93 -9.28 -10.73
C ALA A 195 -20.14 -8.62 -9.37
N VAL A 196 -21.40 -8.46 -8.97
CA VAL A 196 -21.70 -7.90 -7.65
C VAL A 196 -22.53 -8.90 -6.85
N LYS A 197 -21.93 -9.43 -5.79
CA LYS A 197 -22.63 -10.27 -4.84
C LYS A 197 -23.44 -9.34 -3.94
N GLU A 198 -24.72 -9.62 -3.78
CA GLU A 198 -25.58 -8.76 -2.98
C GLU A 198 -24.93 -8.36 -1.66
N GLY A 199 -24.96 -7.08 -1.35
CA GLY A 199 -24.40 -6.60 -0.10
C GLY A 199 -22.97 -6.12 -0.20
N LEU A 200 -22.33 -6.34 -1.35
CA LEU A 200 -21.02 -5.77 -1.62
C LEU A 200 -21.11 -4.24 -1.56
N LEU A 201 -20.29 -3.64 -0.71
CA LEU A 201 -20.22 -2.19 -0.59
C LEU A 201 -19.31 -1.61 -1.68
N ILE A 202 -19.92 -0.91 -2.63
CA ILE A 202 -19.13 -0.30 -3.70
C ILE A 202 -18.76 1.12 -3.32
N LEU A 203 -17.46 1.35 -3.11
CA LEU A 203 -16.94 2.66 -2.68
C LEU A 203 -16.65 3.57 -3.87
N GLU A 204 -17.36 4.70 -3.93
CA GLU A 204 -17.24 5.59 -5.10
C GLU A 204 -16.13 6.62 -4.92
N MET B 1 -0.44 0.80 -3.23
CA MET B 1 -1.58 0.86 -4.19
C MET B 1 -1.45 2.13 -5.03
N ALA B 2 -1.82 2.05 -6.29
CA ALA B 2 -1.84 3.26 -7.12
C ALA B 2 -2.92 4.22 -6.63
N ARG B 3 -2.63 5.51 -6.65
CA ARG B 3 -3.62 6.54 -6.36
C ARG B 3 -4.59 6.70 -7.54
C ACT C . -7.26 -9.70 3.43
O ACT C . -7.33 -10.22 4.58
OXT ACT C . -6.35 -8.91 3.02
CH3 ACT C . -8.37 -10.01 2.49
NI NI D . 0.32 -2.67 -4.82
NI NI E . 11.52 15.23 -0.91
NI NI F . -11.74 -13.97 8.61
NI NI G . -8.10 -14.08 -12.62
NI NI H . -8.90 -11.42 4.99
NI NI I . 16.64 3.93 -7.61
NI NI J . 15.56 7.53 11.08
NI NI K . -3.94 -9.05 19.12
#